data_5BU7
#
_entry.id   5BU7
#
_cell.length_a   52.890
_cell.length_b   52.890
_cell.length_c   257.080
_cell.angle_alpha   90.000
_cell.angle_beta   90.000
_cell.angle_gamma   120.000
#
_symmetry.space_group_name_H-M   'P 61 2 2'
#
loop_
_entity.id
_entity.type
_entity.pdbx_description
1 polymer 'Soluble cytochrome b562'
2 non-polymer 'PROTOPORPHYRIN IX CONTAINING FE'
3 non-polymer 'ZINC ION'
4 water water
#
_entity_poly.entity_id   1
_entity_poly.type   'polypeptide(L)'
_entity_poly.pdbx_seq_one_letter_code
;ADLEDNMETLNDNLKVIEKADNAAQVEKALEKMLAAAADALKATPPKLEDKSPDSPEMHDFRHGFAILMGQIHDAAHLAN
EGKVKEAQAAAEQLKCTCNACHQKYR
;
_entity_poly.pdbx_strand_id   A,B
#
loop_
_chem_comp.id
_chem_comp.type
_chem_comp.name
_chem_comp.formula
HEM non-polymer 'PROTOPORPHYRIN IX CONTAINING FE' 'C34 H32 Fe N4 O4'
ZN non-polymer 'ZINC ION' 'Zn 2'
#
# COMPACT_ATOMS: atom_id res chain seq x y z
N ALA A 1 1.19 -10.30 -10.94
CA ALA A 1 0.01 -11.19 -11.06
C ALA A 1 -1.26 -10.40 -11.42
N ASP A 2 -2.31 -11.10 -11.84
CA ASP A 2 -3.61 -10.47 -12.09
C ASP A 2 -4.49 -10.52 -10.83
N LEU A 3 -5.65 -9.87 -10.90
CA LEU A 3 -6.57 -9.78 -9.78
C LEU A 3 -6.88 -11.13 -9.12
N GLU A 4 -7.46 -12.05 -9.89
CA GLU A 4 -7.83 -13.37 -9.39
C GLU A 4 -6.68 -14.07 -8.65
N ASP A 5 -5.48 -14.04 -9.21
CA ASP A 5 -4.38 -14.81 -8.62
C ASP A 5 -3.78 -14.04 -7.45
N ASN A 6 -3.99 -12.73 -7.46
CA ASN A 6 -3.76 -11.91 -6.25
C ASN A 6 -4.75 -12.28 -5.15
N MET A 7 -6.01 -12.48 -5.52
CA MET A 7 -7.03 -12.88 -4.54
C MET A 7 -6.77 -14.24 -3.91
N GLU A 8 -6.29 -15.20 -4.71
CA GLU A 8 -5.91 -16.56 -4.22
C GLU A 8 -4.73 -16.52 -3.27
N THR A 9 -3.79 -15.61 -3.52
CA THR A 9 -2.65 -15.44 -2.61
C THR A 9 -3.07 -14.94 -1.22
N LEU A 10 -3.96 -13.95 -1.21
CA LEU A 10 -4.53 -13.44 0.05
C LEU A 10 -5.23 -14.56 0.79
N ASN A 11 -6.04 -15.29 0.06
CA ASN A 11 -6.84 -16.34 0.65
C ASN A 11 -6.00 -17.51 1.14
N ASP A 12 -4.97 -17.92 0.38
CA ASP A 12 -4.08 -19.04 0.80
C ASP A 12 -3.20 -18.69 1.97
N ASN A 13 -2.78 -17.43 2.07
CA ASN A 13 -1.93 -17.00 3.20
C ASN A 13 -2.74 -16.73 4.48
N LEU A 14 -3.96 -16.27 4.30
CA LEU A 14 -4.92 -16.14 5.39
C LEU A 14 -5.08 -17.51 6.02
N LYS A 15 -5.24 -18.53 5.16
CA LYS A 15 -5.32 -19.92 5.60
C LYS A 15 -4.07 -20.34 6.36
N VAL A 16 -2.92 -19.97 5.83
CA VAL A 16 -1.67 -20.29 6.50
C VAL A 16 -1.65 -19.61 7.88
N ILE A 17 -2.23 -18.40 7.98
CA ILE A 17 -2.17 -17.64 9.25
C ILE A 17 -3.02 -18.30 10.34
N GLU A 18 -4.21 -18.78 9.97
CA GLU A 18 -5.09 -19.56 10.86
C GLU A 18 -4.34 -20.70 11.54
N LYS A 19 -3.71 -21.54 10.72
CA LYS A 19 -3.11 -22.77 11.19
C LYS A 19 -1.62 -22.60 11.43
N ALA A 20 -1.22 -21.41 11.82
CA ALA A 20 0.17 -21.14 12.12
C ALA A 20 0.53 -21.52 13.57
N ASP A 21 1.80 -21.77 13.77
CA ASP A 21 2.32 -22.19 15.07
C ASP A 21 3.18 -21.10 15.73
N ASN A 22 4.07 -20.45 14.95
CA ASN A 22 4.95 -19.40 15.50
C ASN A 22 4.85 -18.05 14.77
N ALA A 23 5.42 -17.02 15.39
CA ALA A 23 5.31 -15.64 14.91
C ALA A 23 5.89 -15.43 13.51
N ALA A 24 7.10 -15.97 13.31
CA ALA A 24 7.81 -15.87 12.04
C ALA A 24 6.96 -16.28 10.83
N GLN A 25 6.13 -17.30 10.99
CA GLN A 25 5.31 -17.82 9.89
C GLN A 25 4.18 -16.85 9.55
N VAL A 26 3.58 -16.25 10.58
CA VAL A 26 2.52 -15.26 10.40
C VAL A 26 3.05 -14.04 9.67
N GLU A 27 4.25 -13.59 10.05
CA GLU A 27 4.87 -12.41 9.46
C GLU A 27 5.08 -12.59 7.97
N LYS A 28 5.53 -13.77 7.58
CA LYS A 28 5.86 -14.07 6.18
C LYS A 28 4.61 -14.04 5.35
N ALA A 29 3.59 -14.73 5.86
CA ALA A 29 2.32 -14.79 5.20
C ALA A 29 1.72 -13.37 5.08
N LEU A 30 1.85 -12.60 6.16
CA LEU A 30 1.31 -11.27 6.18
C LEU A 30 1.99 -10.40 5.11
N GLU A 31 3.32 -10.45 5.09
CA GLU A 31 4.15 -9.82 4.06
C GLU A 31 3.66 -10.17 2.63
N LYS A 32 3.47 -11.44 2.36
CA LYS A 32 3.01 -11.87 1.04
C LYS A 32 1.64 -11.25 0.70
N MET A 33 0.75 -11.20 1.69
CA MET A 33 -0.60 -10.64 1.50
C MET A 33 -0.52 -9.15 1.19
N LEU A 34 0.37 -8.47 1.90
CA LEU A 34 0.66 -7.07 1.67
C LEU A 34 1.09 -6.79 0.22
N ALA A 35 2.00 -7.61 -0.29
CA ALA A 35 2.44 -7.55 -1.69
C ALA A 35 1.30 -7.81 -2.67
N ALA A 36 0.51 -8.85 -2.40
CA ALA A 36 -0.62 -9.18 -3.24
C ALA A 36 -1.56 -8.00 -3.31
N ALA A 37 -1.94 -7.49 -2.13
CA ALA A 37 -2.82 -6.33 -2.06
C ALA A 37 -2.25 -5.18 -2.87
N ALA A 38 -0.97 -4.86 -2.66
CA ALA A 38 -0.34 -3.77 -3.42
C ALA A 38 -0.50 -3.95 -4.95
N ASP A 39 -0.37 -5.20 -5.39
CA ASP A 39 -0.41 -5.58 -6.81
C ASP A 39 -1.83 -5.41 -7.34
N ALA A 40 -2.83 -5.78 -6.51
CA ALA A 40 -4.26 -5.63 -6.87
C ALA A 40 -4.69 -4.18 -7.03
N LEU A 41 -4.07 -3.28 -6.26
CA LEU A 41 -4.39 -1.85 -6.30
C LEU A 41 -4.78 -1.33 -7.71
N LYS A 42 -4.05 -1.76 -8.74
CA LYS A 42 -4.18 -1.18 -10.08
C LYS A 42 -5.14 -1.92 -11.03
N ALA A 43 -5.78 -2.98 -10.57
CA ALA A 43 -6.64 -3.80 -11.43
C ALA A 43 -8.04 -3.22 -11.62
N THR A 44 -8.68 -3.60 -12.73
CA THR A 44 -10.09 -3.26 -12.96
C THR A 44 -10.89 -4.54 -12.79
N PRO A 45 -11.87 -4.55 -11.87
CA PRO A 45 -12.66 -5.75 -11.66
C PRO A 45 -13.73 -5.87 -12.76
N PRO A 46 -14.01 -7.12 -13.21
CA PRO A 46 -14.98 -7.37 -14.29
C PRO A 46 -16.27 -6.58 -14.15
N LYS A 47 -16.79 -6.48 -12.94
CA LYS A 47 -18.05 -5.78 -12.70
C LYS A 47 -17.97 -4.31 -13.12
N LEU A 48 -16.77 -3.74 -13.13
CA LEU A 48 -16.55 -2.34 -13.55
C LEU A 48 -15.69 -2.26 -14.82
N GLU A 49 -15.62 -3.36 -15.59
CA GLU A 49 -14.78 -3.42 -16.80
C GLU A 49 -15.23 -2.36 -17.82
N ASP A 50 -16.53 -2.10 -17.84
CA ASP A 50 -17.06 -1.01 -18.64
C ASP A 50 -16.51 0.32 -18.14
N LYS A 51 -16.65 0.57 -16.83
CA LYS A 51 -16.44 1.90 -16.23
C LYS A 51 -15.00 2.40 -16.28
N SER A 52 -14.88 3.73 -16.30
CA SER A 52 -13.59 4.41 -16.50
C SER A 52 -12.66 4.34 -15.29
N PRO A 53 -11.34 4.55 -15.51
CA PRO A 53 -10.39 4.66 -14.42
C PRO A 53 -10.79 5.67 -13.33
N ASP A 54 -11.49 6.74 -13.72
CA ASP A 54 -11.76 7.88 -12.81
C ASP A 54 -13.15 7.90 -12.16
N SER A 55 -13.93 6.83 -12.35
CA SER A 55 -15.27 6.74 -11.77
C SER A 55 -15.23 6.65 -10.24
N PRO A 56 -16.27 7.17 -9.57
CA PRO A 56 -16.28 7.05 -8.10
C PRO A 56 -16.27 5.59 -7.61
N GLU A 57 -16.68 4.66 -8.47
CA GLU A 57 -16.66 3.23 -8.15
C GLU A 57 -15.24 2.69 -8.12
N MET A 58 -14.41 3.13 -9.06
CA MET A 58 -13.02 2.70 -9.10
C MET A 58 -12.17 3.35 -7.98
N HIS A 59 -12.50 4.58 -7.62
CA HIS A 59 -11.84 5.25 -6.49
C HIS A 59 -12.15 4.46 -5.21
N ASP A 60 -13.41 4.06 -5.04
CA ASP A 60 -13.85 3.31 -3.85
C ASP A 60 -13.30 1.89 -3.88
N PHE A 61 -13.14 1.36 -5.08
CA PHE A 61 -12.51 0.07 -5.25
C PHE A 61 -11.05 0.12 -4.81
N ARG A 62 -10.32 1.12 -5.28
CA ARG A 62 -8.92 1.31 -4.89
C ARG A 62 -8.79 1.59 -3.38
N HIS A 63 -9.77 2.31 -2.83
CA HIS A 63 -9.79 2.63 -1.40
C HIS A 63 -9.83 1.38 -0.51
N GLY A 64 -10.62 0.39 -0.94
CA GLY A 64 -10.72 -0.84 -0.20
C GLY A 64 -9.37 -1.48 0.01
N PHE A 65 -8.48 -1.41 -0.98
CA PHE A 65 -7.13 -1.99 -0.83
C PHE A 65 -6.25 -1.14 0.09
N ALA A 66 -6.48 0.18 0.06
CA ALA A 66 -5.81 1.08 0.98
C ALA A 66 -6.09 0.66 2.41
N ILE A 67 -7.37 0.50 2.72
CA ILE A 67 -7.74 -0.06 4.02
C ILE A 67 -7.00 -1.39 4.29
N LEU A 68 -7.08 -2.32 3.34
CA LEU A 68 -6.57 -3.68 3.56
C LEU A 68 -5.08 -3.72 3.89
N MET A 69 -4.30 -2.96 3.11
CA MET A 69 -2.85 -2.88 3.33
C MET A 69 -2.51 -2.34 4.72
N GLY A 70 -3.17 -1.23 5.10
CA GLY A 70 -2.98 -0.62 6.43
C GLY A 70 -3.23 -1.62 7.52
N GLN A 71 -4.32 -2.37 7.39
CA GLN A 71 -4.59 -3.45 8.31
C GLN A 71 -3.52 -4.53 8.37
N ILE A 72 -2.97 -4.92 7.22
CA ILE A 72 -1.95 -5.99 7.20
C ILE A 72 -0.68 -5.45 7.86
N HIS A 73 -0.31 -4.25 7.43
CA HIS A 73 0.81 -3.51 8.02
C HIS A 73 0.82 -3.59 9.56
N ASP A 74 -0.31 -3.28 10.19
CA ASP A 74 -0.43 -3.28 11.66
C ASP A 74 -0.35 -4.69 12.21
N ALA A 75 -1.05 -5.61 11.56
CA ALA A 75 -1.02 -7.00 11.99
C ALA A 75 0.40 -7.54 11.98
N ALA A 76 1.18 -7.11 11.00
CA ALA A 76 2.55 -7.61 10.88
C ALA A 76 3.39 -7.11 12.02
N HIS A 77 3.10 -5.92 12.52
CA HIS A 77 3.82 -5.39 13.68
C HIS A 77 3.61 -6.30 14.88
N LEU A 78 2.36 -6.73 15.07
CA LEU A 78 2.02 -7.64 16.14
C LEU A 78 2.76 -8.93 15.97
N ALA A 79 2.85 -9.43 14.73
CA ALA A 79 3.67 -10.61 14.48
C ALA A 79 5.12 -10.36 14.92
N ASN A 80 5.66 -9.19 14.60
CA ASN A 80 7.06 -8.85 14.89
C ASN A 80 7.41 -8.59 16.35
N GLU A 81 6.40 -8.47 17.19
CA GLU A 81 6.67 -8.29 18.60
C GLU A 81 6.29 -9.57 19.35
N GLY A 82 6.21 -10.68 18.60
CA GLY A 82 6.06 -12.01 19.17
C GLY A 82 4.63 -12.39 19.58
N LYS A 83 3.70 -11.46 19.42
CA LYS A 83 2.33 -11.64 19.90
C LYS A 83 1.50 -12.39 18.82
N VAL A 84 1.73 -13.70 18.76
CA VAL A 84 1.11 -14.59 17.76
C VAL A 84 -0.40 -14.55 17.77
N LYS A 85 -0.98 -14.84 18.93
CA LYS A 85 -2.43 -14.95 19.08
C LYS A 85 -3.19 -13.72 18.56
N GLU A 86 -2.71 -12.52 18.93
CA GLU A 86 -3.39 -11.27 18.54
C GLU A 86 -3.14 -10.92 17.05
N ALA A 87 -1.98 -11.32 16.52
CA ALA A 87 -1.71 -11.24 15.09
C ALA A 87 -2.73 -12.07 14.28
N GLN A 88 -2.93 -13.32 14.71
CA GLN A 88 -3.89 -14.22 14.07
C GLN A 88 -5.30 -13.65 14.09
N ALA A 89 -5.66 -13.02 15.21
CA ALA A 89 -6.97 -12.36 15.37
C ALA A 89 -7.12 -11.15 14.44
N ALA A 90 -6.07 -10.36 14.38
CA ALA A 90 -6.06 -9.22 13.45
C ALA A 90 -6.24 -9.75 12.00
N ALA A 91 -5.58 -10.85 11.69
CA ALA A 91 -5.73 -11.44 10.35
C ALA A 91 -7.18 -11.84 10.13
N GLU A 92 -7.78 -12.53 11.09
CA GLU A 92 -9.21 -12.86 11.04
C GLU A 92 -10.06 -11.61 10.82
N GLN A 93 -9.75 -10.56 11.55
CA GLN A 93 -10.51 -9.31 11.44
C GLN A 93 -10.40 -8.69 10.05
N LEU A 94 -9.45 -9.13 9.21
CA LEU A 94 -9.36 -8.66 7.79
C LEU A 94 -10.57 -9.02 6.95
N LYS A 95 -11.23 -10.11 7.34
CA LYS A 95 -12.30 -10.65 6.54
C LYS A 95 -13.45 -9.66 6.40
N CYS A 96 -13.59 -8.80 7.40
CA CYS A 96 -14.59 -7.73 7.37
C CYS A 96 -14.36 -6.77 6.21
N THR A 97 -13.09 -6.56 5.88
CA THR A 97 -12.70 -5.76 4.72
C THR A 97 -12.84 -6.52 3.40
N CYS A 98 -12.36 -7.77 3.38
CA CYS A 98 -12.56 -8.63 2.20
C CYS A 98 -14.04 -8.65 1.77
N ASN A 99 -14.88 -9.05 2.71
CA ASN A 99 -16.31 -9.21 2.45
C ASN A 99 -16.99 -7.91 2.03
N ALA A 100 -16.57 -6.80 2.60
CA ALA A 100 -17.13 -5.51 2.26
C ALA A 100 -16.91 -5.19 0.79
N CYS A 101 -15.72 -5.53 0.29
CA CYS A 101 -15.40 -5.27 -1.11
C CYS A 101 -16.10 -6.24 -2.07
N HIS A 102 -16.05 -7.53 -1.73
CA HIS A 102 -16.79 -8.54 -2.48
C HIS A 102 -18.25 -8.17 -2.69
N GLN A 103 -18.94 -7.92 -1.59
CA GLN A 103 -20.32 -7.47 -1.61
C GLN A 103 -20.66 -6.40 -2.65
N LYS A 104 -19.76 -5.44 -2.88
CA LYS A 104 -20.03 -4.31 -3.77
C LYS A 104 -19.59 -4.53 -5.21
N TYR A 105 -18.49 -5.29 -5.41
CA TYR A 105 -17.81 -5.33 -6.72
C TYR A 105 -17.48 -6.73 -7.25
N ARG A 106 -17.93 -7.75 -6.55
CA ARG A 106 -17.61 -9.13 -6.89
C ARG A 106 -18.86 -9.81 -7.40
N ALA B 1 7.04 -0.54 -13.35
CA ALA B 1 8.27 0.31 -13.46
C ALA B 1 9.38 -0.17 -12.52
N ASP B 2 10.63 0.31 -12.72
CA ASP B 2 11.73 0.05 -11.78
C ASP B 2 11.82 1.10 -10.66
N LEU B 3 12.65 0.83 -9.65
CA LEU B 3 12.75 1.67 -8.43
C LEU B 3 13.00 3.14 -8.80
N GLU B 4 14.09 3.39 -9.52
CA GLU B 4 14.46 4.75 -9.97
C GLU B 4 13.32 5.47 -10.65
N ASP B 5 12.60 4.80 -11.55
CA ASP B 5 11.54 5.49 -12.30
C ASP B 5 10.31 5.66 -11.43
N ASN B 6 10.14 4.75 -10.47
CA ASN B 6 9.13 4.94 -9.42
C ASN B 6 9.48 6.18 -8.59
N MET B 7 10.75 6.34 -8.26
CA MET B 7 11.18 7.49 -7.48
C MET B 7 10.96 8.81 -8.20
N GLU B 8 11.21 8.84 -9.51
CA GLU B 8 11.02 10.04 -10.33
C GLU B 8 9.54 10.38 -10.42
N THR B 9 8.69 9.37 -10.43
CA THR B 9 7.25 9.61 -10.46
C THR B 9 6.76 10.31 -9.19
N LEU B 10 7.24 9.82 -8.04
CA LEU B 10 6.93 10.43 -6.77
C LEU B 10 7.38 11.87 -6.76
N ASN B 11 8.62 12.06 -7.19
CA ASN B 11 9.24 13.38 -7.17
C ASN B 11 8.58 14.37 -8.15
N ASP B 12 8.23 13.91 -9.34
CA ASP B 12 7.59 14.77 -10.33
C ASP B 12 6.16 15.14 -9.94
N ASN B 13 5.46 14.23 -9.28
CA ASN B 13 4.05 14.50 -8.91
C ASN B 13 3.96 15.34 -7.63
N LEU B 14 4.94 15.17 -6.77
CA LEU B 14 5.13 16.04 -5.63
C LEU B 14 5.27 17.47 -6.14
N LYS B 15 6.11 17.66 -7.16
CA LYS B 15 6.30 18.95 -7.82
C LYS B 15 5.00 19.48 -8.41
N VAL B 16 4.24 18.59 -9.06
CA VAL B 16 2.94 18.97 -9.57
C VAL B 16 2.01 19.45 -8.44
N ILE B 17 2.12 18.79 -7.27
CA ILE B 17 1.22 19.09 -6.15
C ILE B 17 1.51 20.49 -5.57
N GLU B 18 2.81 20.83 -5.43
CA GLU B 18 3.25 22.18 -5.03
C GLU B 18 2.57 23.28 -5.83
N LYS B 19 2.69 23.19 -7.15
CA LYS B 19 2.25 24.24 -8.06
C LYS B 19 0.86 23.98 -8.63
N ALA B 20 0.02 23.30 -7.85
CA ALA B 20 -1.33 22.97 -8.30
C ALA B 20 -2.30 24.13 -8.01
N ASP B 21 -3.41 24.13 -8.74
CA ASP B 21 -4.41 25.18 -8.62
C ASP B 21 -5.71 24.67 -8.02
N ASN B 22 -6.17 23.49 -8.46
CA ASN B 22 -7.42 22.93 -7.94
C ASN B 22 -7.28 21.52 -7.34
N ALA B 23 -8.33 21.07 -6.64
CA ALA B 23 -8.32 19.80 -5.88
C ALA B 23 -8.10 18.58 -6.77
N ALA B 24 -8.86 18.53 -7.87
CA ALA B 24 -8.82 17.44 -8.84
C ALA B 24 -7.39 17.10 -9.27
N GLN B 25 -6.55 18.12 -9.44
CA GLN B 25 -5.17 17.91 -9.91
C GLN B 25 -4.32 17.27 -8.84
N VAL B 26 -4.51 17.69 -7.60
CA VAL B 26 -3.79 17.12 -6.45
C VAL B 26 -4.15 15.64 -6.26
N GLU B 27 -5.43 15.32 -6.40
CA GLU B 27 -5.92 13.95 -6.26
C GLU B 27 -5.28 13.01 -7.26
N LYS B 28 -5.18 13.46 -8.51
CA LYS B 28 -4.62 12.65 -9.60
C LYS B 28 -3.16 12.38 -9.32
N ALA B 29 -2.44 13.43 -8.97
CA ALA B 29 -1.01 13.31 -8.67
C ALA B 29 -0.80 12.41 -7.48
N LEU B 30 -1.67 12.57 -6.48
CA LEU B 30 -1.58 11.76 -5.29
C LEU B 30 -1.78 10.28 -5.61
N GLU B 31 -2.85 9.99 -6.35
CA GLU B 31 -3.15 8.65 -6.90
C GLU B 31 -1.94 8.04 -7.61
N LYS B 32 -1.33 8.80 -8.51
CA LYS B 32 -0.13 8.33 -9.23
C LYS B 32 0.99 7.96 -8.24
N MET B 33 1.18 8.79 -7.21
CA MET B 33 2.24 8.56 -6.24
C MET B 33 1.97 7.28 -5.47
N LEU B 34 0.71 7.08 -5.14
CA LEU B 34 0.27 5.88 -4.42
C LEU B 34 0.62 4.61 -5.21
N ALA B 35 0.32 4.63 -6.50
CA ALA B 35 0.67 3.55 -7.41
C ALA B 35 2.19 3.33 -7.47
N ALA B 36 2.94 4.41 -7.61
CA ALA B 36 4.38 4.32 -7.71
C ALA B 36 4.92 3.66 -6.46
N ALA B 37 4.50 4.18 -5.32
CA ALA B 37 4.87 3.62 -4.02
C ALA B 37 4.56 2.11 -3.94
N ALA B 38 3.33 1.74 -4.30
CA ALA B 38 2.94 0.33 -4.27
C ALA B 38 3.91 -0.54 -5.08
N ASP B 39 4.35 -0.01 -6.21
CA ASP B 39 5.19 -0.71 -7.16
C ASP B 39 6.57 -0.86 -6.57
N ALA B 40 7.05 0.18 -5.88
CA ALA B 40 8.36 0.16 -5.22
C ALA B 40 8.47 -0.84 -4.09
N LEU B 41 7.37 -1.09 -3.39
CA LEU B 41 7.31 -2.02 -2.24
C LEU B 41 8.21 -3.25 -2.40
N LYS B 42 8.22 -3.84 -3.59
CA LYS B 42 8.86 -5.14 -3.79
C LYS B 42 10.30 -5.07 -4.31
N ALA B 43 10.84 -3.86 -4.49
CA ALA B 43 12.19 -3.69 -5.05
C ALA B 43 13.30 -3.90 -4.02
N THR B 44 14.49 -4.27 -4.52
CA THR B 44 15.68 -4.33 -3.67
C THR B 44 16.54 -3.13 -4.05
N PRO B 45 16.88 -2.26 -3.07
CA PRO B 45 17.70 -1.09 -3.39
C PRO B 45 19.18 -1.49 -3.49
N PRO B 46 19.93 -0.88 -4.43
CA PRO B 46 21.33 -1.22 -4.66
C PRO B 46 22.13 -1.38 -3.38
N LYS B 47 21.89 -0.48 -2.42
CA LYS B 47 22.66 -0.50 -1.20
C LYS B 47 22.47 -1.83 -0.43
N LEU B 48 21.35 -2.50 -0.67
CA LEU B 48 21.08 -3.79 -0.04
C LEU B 48 21.00 -4.93 -1.07
N GLU B 49 21.59 -4.72 -2.25
CA GLU B 49 21.58 -5.72 -3.34
C GLU B 49 22.22 -7.02 -2.87
N ASP B 50 23.25 -6.89 -2.03
CA ASP B 50 23.86 -8.05 -1.41
C ASP B 50 22.87 -8.76 -0.51
N LYS B 51 22.24 -8.01 0.39
CA LYS B 51 21.45 -8.57 1.48
C LYS B 51 20.18 -9.31 1.05
N SER B 52 19.79 -10.28 1.88
CA SER B 52 18.69 -11.20 1.58
C SER B 52 17.31 -10.54 1.68
N PRO B 53 16.30 -11.15 1.03
CA PRO B 53 14.92 -10.70 1.18
C PRO B 53 14.45 -10.58 2.64
N ASP B 54 14.98 -11.43 3.54
CA ASP B 54 14.49 -11.55 4.93
C ASP B 54 15.29 -10.77 5.99
N SER B 55 16.26 -9.96 5.55
CA SER B 55 17.09 -9.17 6.47
C SER B 55 16.27 -8.08 7.18
N PRO B 56 16.64 -7.73 8.43
CA PRO B 56 15.92 -6.65 9.11
C PRO B 56 15.99 -5.30 8.35
N GLU B 57 16.99 -5.15 7.48
CA GLU B 57 17.12 -3.95 6.65
C GLU B 57 16.06 -3.91 5.57
N MET B 58 15.78 -5.05 4.94
CA MET B 58 14.74 -5.11 3.91
C MET B 58 13.33 -4.99 4.51
N HIS B 59 13.13 -5.51 5.73
CA HIS B 59 11.85 -5.36 6.41
C HIS B 59 11.62 -3.87 6.66
N ASP B 60 12.65 -3.18 7.13
CA ASP B 60 12.58 -1.74 7.48
C ASP B 60 12.48 -0.91 6.21
N PHE B 61 13.09 -1.39 5.15
CA PHE B 61 12.95 -0.78 3.85
C PHE B 61 11.50 -0.86 3.36
N ARG B 62 10.92 -2.06 3.41
CA ARG B 62 9.51 -2.25 3.02
C ARG B 62 8.56 -1.43 3.91
N HIS B 63 8.89 -1.35 5.20
CA HIS B 63 8.10 -0.60 6.16
C HIS B 63 7.96 0.88 5.78
N GLY B 64 9.06 1.48 5.30
CA GLY B 64 9.03 2.87 4.86
C GLY B 64 7.98 3.16 3.81
N PHE B 65 7.77 2.23 2.90
CA PHE B 65 6.71 2.42 1.89
C PHE B 65 5.31 2.23 2.47
N ALA B 66 5.21 1.34 3.45
CA ALA B 66 3.94 1.15 4.15
C ALA B 66 3.50 2.48 4.77
N ILE B 67 4.43 3.10 5.50
CA ILE B 67 4.18 4.47 5.96
C ILE B 67 3.75 5.40 4.80
N LEU B 68 4.56 5.43 3.73
CA LEU B 68 4.37 6.42 2.67
C LEU B 68 3.00 6.31 2.02
N MET B 69 2.59 5.08 1.74
CA MET B 69 1.27 4.84 1.11
C MET B 69 0.12 5.30 2.00
N GLY B 70 0.19 4.96 3.28
CA GLY B 70 -0.80 5.42 4.27
C GLY B 70 -0.92 6.93 4.29
N GLN B 71 0.23 7.61 4.30
CA GLN B 71 0.22 9.06 4.20
C GLN B 71 -0.42 9.59 2.93
N ILE B 72 -0.18 8.95 1.79
CA ILE B 72 -0.76 9.44 0.52
C ILE B 72 -2.28 9.22 0.54
N HIS B 73 -2.64 8.01 0.96
CA HIS B 73 -4.02 7.64 1.17
C HIS B 73 -4.81 8.75 1.91
N ASP B 74 -4.29 9.23 3.04
CA ASP B 74 -4.95 10.29 3.85
C ASP B 74 -4.94 11.64 3.14
N ALA B 75 -3.81 11.99 2.57
CA ALA B 75 -3.72 13.24 1.81
C ALA B 75 -4.74 13.28 0.66
N ALA B 76 -4.98 12.13 0.04
CA ALA B 76 -5.92 12.08 -1.07
C ALA B 76 -7.34 12.33 -0.60
N HIS B 77 -7.65 11.91 0.62
CA HIS B 77 -8.98 12.15 1.19
C HIS B 77 -9.22 13.64 1.30
N LEU B 78 -8.20 14.35 1.75
CA LEU B 78 -8.23 15.81 1.85
C LEU B 78 -8.46 16.41 0.47
N ALA B 79 -7.77 15.88 -0.53
CA ALA B 79 -8.00 16.34 -1.90
C ALA B 79 -9.46 16.12 -2.31
N ASN B 80 -10.00 14.97 -1.97
CA ASN B 80 -11.39 14.62 -2.31
C ASN B 80 -12.50 15.37 -1.56
N GLU B 81 -12.14 16.09 -0.50
CA GLU B 81 -13.15 16.86 0.19
C GLU B 81 -12.93 18.35 -0.10
N GLY B 82 -12.18 18.63 -1.17
CA GLY B 82 -12.04 19.99 -1.69
C GLY B 82 -11.01 20.85 -0.99
N LYS B 83 -10.38 20.30 0.05
CA LYS B 83 -9.49 21.07 0.90
C LYS B 83 -8.08 21.06 0.30
N VAL B 84 -7.91 21.89 -0.73
CA VAL B 84 -6.67 21.96 -1.50
C VAL B 84 -5.46 22.29 -0.64
N LYS B 85 -5.52 23.40 0.07
CA LYS B 85 -4.37 23.91 0.84
C LYS B 85 -3.79 22.86 1.79
N GLU B 86 -4.66 22.16 2.50
CA GLU B 86 -4.20 21.19 3.50
C GLU B 86 -3.71 19.89 2.86
N ALA B 87 -4.29 19.54 1.71
CA ALA B 87 -3.77 18.45 0.88
C ALA B 87 -2.32 18.72 0.47
N GLN B 88 -2.08 19.93 -0.04
CA GLN B 88 -0.74 20.33 -0.47
C GLN B 88 0.27 20.25 0.67
N ALA B 89 -0.17 20.66 1.86
CA ALA B 89 0.68 20.61 3.07
C ALA B 89 0.99 19.17 3.48
N ALA B 90 -0.04 18.32 3.44
CA ALA B 90 0.16 16.92 3.72
C ALA B 90 1.18 16.34 2.72
N ALA B 91 1.05 16.75 1.46
CA ALA B 91 2.02 16.30 0.45
C ALA B 91 3.45 16.75 0.83
N GLU B 92 3.62 18.02 1.18
CA GLU B 92 4.91 18.53 1.69
C GLU B 92 5.41 17.71 2.89
N GLN B 93 4.51 17.39 3.81
CA GLN B 93 4.89 16.62 5.00
C GLN B 93 5.37 15.20 4.66
N LEU B 94 5.12 14.71 3.43
CA LEU B 94 5.67 13.41 2.97
C LEU B 94 7.20 13.38 2.93
N LYS B 95 7.79 14.55 2.74
CA LYS B 95 9.21 14.67 2.52
C LYS B 95 9.99 14.12 3.70
N CYS B 96 9.39 14.24 4.89
CA CYS B 96 9.98 13.69 6.11
C CYS B 96 10.18 12.19 6.03
N THR B 97 9.25 11.52 5.34
CA THR B 97 9.32 10.06 5.11
C THR B 97 10.30 9.73 3.99
N CYS B 98 10.23 10.48 2.88
CA CYS B 98 11.20 10.29 1.79
C CYS B 98 12.63 10.36 2.33
N ASN B 99 12.94 11.47 2.99
CA ASN B 99 14.28 11.75 3.45
C ASN B 99 14.74 10.72 4.47
N ALA B 100 13.82 10.24 5.29
CA ALA B 100 14.16 9.26 6.31
C ALA B 100 14.69 7.98 5.66
N CYS B 101 14.05 7.60 4.54
CA CYS B 101 14.45 6.39 3.85
C CYS B 101 15.75 6.55 3.05
N HIS B 102 15.84 7.67 2.32
CA HIS B 102 17.07 8.01 1.62
C HIS B 102 18.27 7.92 2.55
N GLN B 103 18.18 8.65 3.67
CA GLN B 103 19.24 8.66 4.68
C GLN B 103 19.84 7.31 5.00
N LYS B 104 18.99 6.28 5.05
CA LYS B 104 19.42 4.95 5.51
C LYS B 104 19.84 4.05 4.36
N TYR B 105 19.21 4.18 3.19
CA TYR B 105 19.29 3.17 2.12
C TYR B 105 19.55 3.70 0.71
N ARG B 106 19.80 5.00 0.61
CA ARG B 106 20.04 5.61 -0.70
C ARG B 106 21.50 6.00 -0.81
CHA HEM C . -12.30 -12.31 -5.70
CHB HEM C . -10.31 -13.61 -1.53
CHC HEM C . -10.11 -8.90 -0.43
CHD HEM C . -12.08 -7.63 -4.57
C1A HEM C . -11.78 -13.04 -4.69
C2A HEM C . -11.69 -14.46 -4.74
C3A HEM C . -11.13 -14.82 -3.53
C4A HEM C . -10.88 -13.65 -2.78
CMA HEM C . -10.78 -16.20 -3.01
CAA HEM C . -12.16 -15.34 -5.92
CBA HEM C . -11.32 -15.16 -7.22
CGA HEM C . -12.00 -15.52 -8.57
O1A HEM C . -12.92 -14.79 -9.07
O2A HEM C . -11.65 -16.53 -9.24
C1B HEM C . -10.06 -12.42 -0.86
C2B HEM C . -9.45 -12.33 0.42
C3B HEM C . -9.40 -11.01 0.76
C4B HEM C . -10.00 -10.28 -0.39
CMB HEM C . -8.98 -13.46 1.26
CAB HEM C . -8.79 -10.34 1.93
CBB HEM C . -7.92 -10.92 2.76
C1C HEM C . -10.62 -8.11 -1.44
C2C HEM C . -10.69 -6.68 -1.47
C3C HEM C . -11.24 -6.31 -2.69
C4C HEM C . -11.53 -7.54 -3.34
CMC HEM C . -10.20 -5.75 -0.38
CAC HEM C . -11.54 -4.97 -3.26
CBC HEM C . -11.28 -3.81 -2.67
C1D HEM C . -12.27 -8.88 -5.16
C2D HEM C . -12.84 -8.92 -6.51
C3D HEM C . -12.92 -10.21 -6.84
C4D HEM C . -12.38 -10.95 -5.68
CMD HEM C . -13.27 -7.72 -7.33
CAD HEM C . -13.44 -10.80 -8.13
CBD HEM C . -12.26 -11.06 -9.07
CGD HEM C . -12.77 -11.47 -10.44
O1D HEM C . -13.69 -12.31 -10.54
O2D HEM C . -12.27 -10.94 -11.47
NA HEM C . -11.32 -12.57 -3.51
NB HEM C . -10.37 -11.19 -1.28
NC HEM C . -11.18 -8.60 -2.54
ND HEM C . -12.02 -10.12 -4.69
FE HEM C . -11.23 -10.63 -3.06
ZN ZN D . 0.74 -8.20 -10.95
ZN ZN E . -4.43 -21.68 -3.74
ZN ZN F . 4.36 0.56 10.88
ZN ZN G . 9.29 -11.36 6.93
CHA HEM H . 16.16 7.29 -4.79
CHB HEM H . 12.67 10.57 -4.45
CHC HEM H . 10.59 7.96 -0.92
CHD HEM H . 14.21 4.76 -1.18
C1A HEM H . 15.39 8.40 -5.01
C2A HEM H . 15.69 9.45 -5.94
C3A HEM H . 14.68 10.36 -5.82
C4A HEM H . 13.79 9.89 -4.84
CMA HEM H . 14.52 11.64 -6.58
CAA HEM H . 16.88 9.57 -6.90
CBA HEM H . 16.58 9.23 -8.37
CGA HEM H . 17.86 9.03 -9.18
O1A HEM H . 18.31 7.88 -9.40
O2A HEM H . 18.46 10.03 -9.64
C1B HEM H . 11.79 10.13 -3.45
C2B HEM H . 10.61 10.85 -3.11
C3B HEM H . 10.00 10.15 -2.11
C4B HEM H . 10.85 8.95 -1.86
CMB HEM H . 10.17 12.14 -3.75
CAB HEM H . 8.68 10.43 -1.45
CBB HEM H . 7.79 11.38 -1.86
C1C HEM H . 11.41 6.84 -0.67
C2C HEM H . 11.16 5.83 0.29
C3C HEM H . 12.20 4.91 0.20
C4C HEM H . 13.07 5.38 -0.80
CMC HEM H . 9.98 5.75 1.20
CAC HEM H . 12.40 3.65 0.94
CBC HEM H . 11.57 3.06 1.80
C1D HEM H . 14.99 5.26 -2.22
C2D HEM H . 16.19 4.52 -2.61
C3D HEM H . 16.74 5.21 -3.60
C4D HEM H . 15.85 6.37 -3.82
CMD HEM H . 16.69 3.23 -2.00
CAD HEM H . 18.00 4.85 -4.35
CBD HEM H . 17.62 4.24 -5.70
CGD HEM H . 18.84 4.02 -6.58
O1D HEM H . 18.65 3.51 -7.72
O2D HEM H . 20.00 4.33 -6.19
NA HEM H . 14.24 8.71 -4.34
NB HEM H . 11.89 9.03 -2.71
NC HEM H . 12.58 6.55 -1.30
ND HEM H . 14.80 6.36 -2.97
FE HEM H . 13.43 7.66 -2.84
ZN ZN I . -9.47 5.98 3.45
ZN ZN J . 7.43 -2.10 -11.87
ZN ZN K . -8.60 10.33 -9.30
#